data_1VYS
#
_entry.id   1VYS
#
_cell.length_a   56.591
_cell.length_b   68.330
_cell.length_c   88.603
_cell.angle_alpha   90.00
_cell.angle_beta   90.00
_cell.angle_gamma   90.00
#
_symmetry.space_group_name_H-M   'P 21 21 21'
#
loop_
_entity.id
_entity.type
_entity.pdbx_description
1 polymer 'PENTAERYTHRITOL TETRANITRATE REDUCTASE'
2 non-polymer 'FLAVIN MONONUCLEOTIDE'
3 non-polymer 'PICRIC ACID'
4 water water
#
_entity_poly.entity_id   1
_entity_poly.type   'polypeptide(L)'
_entity_poly.pdbx_seq_one_letter_code
;SAEKLFTPLKVGAVTAPNRVFMAPLTRLRSIEPGDIPTPLMGEYYRQRASAGLIISEATQISAQAKGYAGAPGLHSPEQI
AAWKKITAGVHAEDGRIAVQLYHTGRISHSSIQPGGQAPVSASALNANTRTSLRDENGNAIRVDTTTPRALELDEIPGIV
NDFRQAVANAREAGFDLVELHSAHGYLLHQFLSPSSNQRTDQYGGSVENRARLVLEVVDAVCNEWSADRIGIRVSPIGTF
QNVDNGPNEEADALYLIEELAKRGIAYLHMSETDLAGGKPYSEAFRQKVRERFHGVIIGAGAYTAEKAEDLIGKGLIDAV
AFGRDYIANPDLVARLQKKAELNPQRPESFYGGGAEGYTDYPSL
;
_entity_poly.pdbx_strand_id   X
#
loop_
_chem_comp.id
_chem_comp.type
_chem_comp.name
_chem_comp.formula
FMN non-polymer 'FLAVIN MONONUCLEOTIDE' 'C17 H21 N4 O9 P'
TNF non-polymer 'PICRIC ACID' 'C6 H3 N3 O7'
#
# COMPACT_ATOMS: atom_id res chain seq x y z
N SER A 1 -24.97 17.24 -6.67
CA SER A 1 -25.34 16.66 -8.01
C SER A 1 -24.34 16.97 -9.18
N ALA A 2 -23.62 18.11 -9.13
CA ALA A 2 -22.54 18.49 -10.11
C ALA A 2 -21.59 17.28 -10.50
N GLU A 3 -20.40 17.21 -9.90
CA GLU A 3 -19.74 15.94 -9.48
C GLU A 3 -18.92 15.11 -10.49
N LYS A 4 -17.65 14.87 -10.19
CA LYS A 4 -16.78 14.01 -11.03
C LYS A 4 -16.43 12.69 -10.34
N LEU A 5 -16.71 12.59 -9.04
CA LEU A 5 -16.39 11.34 -8.31
C LEU A 5 -16.99 10.12 -8.88
N PHE A 6 -18.11 10.24 -9.60
CA PHE A 6 -18.85 9.06 -10.01
C PHE A 6 -18.75 8.88 -11.49
N THR A 7 -17.66 9.39 -12.08
CA THR A 7 -17.40 9.20 -13.48
C THR A 7 -16.21 8.23 -13.68
N PRO A 8 -16.23 7.48 -14.79
CA PRO A 8 -15.17 6.48 -15.08
C PRO A 8 -13.77 7.05 -15.29
N LEU A 9 -12.77 6.22 -15.06
CA LEU A 9 -11.39 6.60 -15.13
C LEU A 9 -10.60 5.40 -15.60
N LYS A 10 -9.79 5.57 -16.65
CA LYS A 10 -8.95 4.49 -17.14
C LYS A 10 -7.74 4.45 -16.22
N VAL A 11 -7.50 3.28 -15.63
CA VAL A 11 -6.35 3.09 -14.71
C VAL A 11 -5.46 1.98 -15.28
N GLY A 12 -4.44 2.37 -16.03
CA GLY A 12 -3.64 1.42 -16.81
C GLY A 12 -4.56 0.47 -17.61
N ALA A 13 -4.45 -0.84 -17.35
CA ALA A 13 -5.14 -1.91 -18.15
C ALA A 13 -6.61 -2.05 -17.81
N VAL A 14 -7.08 -1.44 -16.73
CA VAL A 14 -8.50 -1.52 -16.38
C VAL A 14 -9.18 -0.18 -16.36
N THR A 15 -10.49 -0.22 -16.27
CA THR A 15 -11.33 0.97 -16.20
C THR A 15 -12.21 1.00 -14.93
N ALA A 16 -11.99 1.96 -14.07
CA ALA A 16 -12.80 2.08 -12.88
C ALA A 16 -14.06 2.82 -13.27
N PRO A 17 -15.23 2.43 -12.77
CA PRO A 17 -16.46 3.19 -13.04
C PRO A 17 -16.69 4.43 -12.20
N ASN A 18 -15.81 4.67 -11.21
CA ASN A 18 -15.92 5.84 -10.36
C ASN A 18 -14.56 6.12 -9.74
N ARG A 19 -14.42 7.20 -8.98
CA ARG A 19 -13.09 7.61 -8.53
C ARG A 19 -12.89 7.44 -7.04
N VAL A 20 -13.80 6.65 -6.45
CA VAL A 20 -13.87 6.43 -5.04
C VAL A 20 -13.17 5.09 -4.80
N PHE A 21 -11.93 5.15 -4.35
CA PHE A 21 -11.11 3.96 -4.26
C PHE A 21 -10.99 3.53 -2.79
N MET A 22 -10.73 2.25 -2.56
CA MET A 22 -10.53 1.71 -1.20
C MET A 22 -9.05 1.61 -0.97
N ALA A 23 -8.62 2.36 0.02
CA ALA A 23 -7.21 2.47 0.38
C ALA A 23 -6.73 1.11 0.89
N PRO A 24 -5.43 0.85 0.81
CA PRO A 24 -4.87 -0.37 1.37
C PRO A 24 -4.97 -0.35 2.89
N LEU A 25 -5.57 -1.38 3.48
CA LEU A 25 -5.84 -1.39 4.92
C LEU A 25 -5.43 -2.72 5.55
N THR A 26 -4.34 -2.69 6.29
CA THR A 26 -3.90 -3.80 7.08
C THR A 26 -4.97 -4.07 8.16
N ARG A 27 -5.46 -5.29 8.20
CA ARG A 27 -6.49 -5.69 9.16
C ARG A 27 -6.10 -6.92 10.03
N LEU A 28 -5.02 -7.64 9.67
CA LEU A 28 -4.41 -8.64 10.57
C LEU A 28 -5.34 -9.82 10.94
N ARG A 29 -6.05 -10.31 9.92
CA ARG A 29 -6.97 -11.42 10.10
C ARG A 29 -6.63 -12.65 9.33
N SER A 30 -5.43 -12.70 8.77
CA SER A 30 -4.98 -13.90 8.05
C SER A 30 -4.72 -15.12 8.97
N ILE A 31 -4.80 -16.31 8.39
CA ILE A 31 -4.46 -17.52 9.17
C ILE A 31 -2.96 -17.62 9.39
N GLU A 32 -2.59 -17.99 10.62
CA GLU A 32 -1.27 -18.49 10.89
C GLU A 32 -1.49 -19.89 11.51
N PRO A 33 -0.64 -20.87 11.16
CA PRO A 33 0.50 -20.68 10.26
C PRO A 33 0.12 -20.57 8.80
N GLY A 34 1.01 -19.90 8.09
CA GLY A 34 0.97 -19.85 6.62
C GLY A 34 0.67 -18.47 6.05
N ASP A 35 0.25 -17.54 6.92
CA ASP A 35 -0.10 -16.16 6.48
C ASP A 35 -1.09 -16.18 5.34
N ILE A 36 -2.17 -16.93 5.55
CA ILE A 36 -3.09 -17.30 4.48
C ILE A 36 -4.37 -16.49 4.53
N PRO A 37 -4.69 -15.85 3.40
CA PRO A 37 -5.98 -15.19 3.29
C PRO A 37 -7.11 -16.14 3.56
N THR A 38 -8.22 -15.60 4.06
CA THR A 38 -9.36 -16.44 4.46
C THR A 38 -10.66 -16.15 3.74
N PRO A 39 -11.61 -17.06 3.79
CA PRO A 39 -12.96 -16.78 3.25
C PRO A 39 -13.59 -15.50 3.89
N LEU A 40 -13.32 -15.24 5.17
CA LEU A 40 -13.86 -14.03 5.82
C LEU A 40 -13.30 -12.81 5.13
N MET A 41 -11.99 -12.79 4.91
CA MET A 41 -11.35 -11.76 4.11
C MET A 41 -11.99 -11.64 2.70
N GLY A 42 -12.28 -12.76 2.07
CA GLY A 42 -12.99 -12.73 0.80
C GLY A 42 -14.31 -11.98 0.85
N GLU A 43 -15.05 -12.22 1.91
CA GLU A 43 -16.37 -11.62 2.08
C GLU A 43 -16.23 -10.11 2.24
N TYR A 44 -15.31 -9.71 3.13
CA TYR A 44 -15.02 -8.30 3.35
C TYR A 44 -14.70 -7.55 2.09
N TYR A 45 -13.83 -8.14 1.26
CA TYR A 45 -13.50 -7.54 0.00
C TYR A 45 -14.69 -7.54 -0.95
N ARG A 46 -15.48 -8.64 -0.96
CA ARG A 46 -16.64 -8.71 -1.82
C ARG A 46 -17.69 -7.64 -1.47
N GLN A 47 -17.88 -7.36 -0.18
CA GLN A 47 -18.78 -6.32 0.25
C GLN A 47 -18.41 -4.93 -0.33
N ARG A 48 -17.12 -4.69 -0.57
CA ARG A 48 -16.59 -3.39 -1.03
C ARG A 48 -16.34 -3.28 -2.55
N ALA A 49 -16.86 -4.23 -3.33
CA ALA A 49 -16.47 -4.38 -4.71
C ALA A 49 -17.12 -3.34 -5.61
N SER A 50 -18.01 -2.54 -5.06
CA SER A 50 -18.48 -1.34 -5.80
C SER A 50 -17.47 -0.19 -5.87
N ALA A 51 -16.38 -0.29 -5.10
CA ALA A 51 -15.30 0.68 -5.22
C ALA A 51 -14.80 0.80 -6.64
N GLY A 52 -14.44 1.98 -7.09
CA GLY A 52 -13.71 2.14 -8.36
C GLY A 52 -12.57 1.17 -8.52
N LEU A 53 -11.83 1.05 -7.42
CA LEU A 53 -10.75 0.08 -7.35
C LEU A 53 -10.55 -0.18 -5.86
N ILE A 54 -10.37 -1.46 -5.55
CA ILE A 54 -9.96 -1.88 -4.26
C ILE A 54 -8.44 -2.06 -4.29
N ILE A 55 -7.75 -1.48 -3.31
CA ILE A 55 -6.36 -1.73 -3.09
C ILE A 55 -6.26 -2.58 -1.84
N SER A 56 -5.66 -3.75 -1.94
CA SER A 56 -5.64 -4.68 -0.78
C SER A 56 -4.80 -4.21 0.37
N GLU A 57 -5.03 -4.81 1.51
CA GLU A 57 -4.05 -4.76 2.62
C GLU A 57 -2.64 -5.11 2.16
N ALA A 58 -1.63 -4.53 2.83
CA ALA A 58 -0.24 -4.86 2.57
C ALA A 58 -0.08 -6.37 2.65
N THR A 59 0.61 -6.90 1.65
CA THR A 59 0.82 -8.35 1.45
C THR A 59 2.28 -8.56 1.22
N GLN A 60 2.90 -9.42 2.03
CA GLN A 60 4.34 -9.75 2.12
C GLN A 60 4.72 -10.41 0.86
N ILE A 61 5.85 -10.01 0.28
CA ILE A 61 6.40 -10.71 -0.89
C ILE A 61 7.19 -11.99 -0.58
N SER A 62 7.54 -12.21 0.69
CA SER A 62 8.36 -13.31 1.15
C SER A 62 8.17 -13.44 2.64
N ALA A 63 8.61 -14.54 3.21
CA ALA A 63 8.64 -14.68 4.66
C ALA A 63 9.48 -13.65 5.35
N GLN A 64 10.65 -13.31 4.79
CA GLN A 64 11.49 -12.29 5.41
C GLN A 64 10.80 -10.89 5.41
N ALA A 65 9.93 -10.70 4.40
CA ALA A 65 9.16 -9.44 4.22
C ALA A 65 8.08 -9.24 5.24
N LYS A 66 7.69 -10.31 5.96
CA LYS A 66 6.69 -10.19 7.00
C LYS A 66 7.00 -9.29 8.15
N GLY A 67 6.10 -8.36 8.41
CA GLY A 67 6.23 -7.46 9.55
C GLY A 67 5.23 -7.67 10.68
N TYR A 68 4.08 -8.27 10.38
CA TYR A 68 2.94 -8.30 11.28
C TYR A 68 2.33 -9.67 11.37
N ALA A 69 2.04 -10.10 12.57
CA ALA A 69 1.31 -11.34 12.71
C ALA A 69 -0.12 -11.10 12.18
N GLY A 70 -0.59 -11.94 11.26
CA GLY A 70 -1.92 -11.75 10.64
C GLY A 70 -1.95 -11.07 9.27
N ALA A 71 -0.82 -10.51 8.83
CA ALA A 71 -0.69 -9.97 7.45
C ALA A 71 -0.48 -11.14 6.49
N PRO A 72 -1.09 -11.05 5.32
CA PRO A 72 -0.99 -12.14 4.36
C PRO A 72 0.25 -12.03 3.52
N GLY A 73 0.59 -13.14 2.88
CA GLY A 73 1.68 -13.14 1.93
C GLY A 73 1.16 -13.53 0.52
N LEU A 74 2.05 -13.44 -0.47
CA LEU A 74 1.75 -13.84 -1.84
C LEU A 74 2.99 -14.53 -2.43
N HIS A 75 3.63 -15.41 -1.65
CA HIS A 75 4.75 -16.21 -2.11
C HIS A 75 4.50 -17.73 -2.15
N SER A 76 3.54 -18.25 -1.36
CA SER A 76 3.37 -19.69 -1.23
C SER A 76 2.20 -20.17 -2.08
N PRO A 77 2.17 -21.47 -2.42
CA PRO A 77 1.02 -22.00 -3.15
C PRO A 77 -0.34 -21.76 -2.43
N GLU A 78 -0.36 -21.94 -1.11
CA GLU A 78 -1.60 -21.85 -0.37
C GLU A 78 -2.07 -20.41 -0.37
N GLN A 79 -1.13 -19.48 -0.36
CA GLN A 79 -1.50 -18.06 -0.41
C GLN A 79 -2.08 -17.70 -1.77
N ILE A 80 -1.41 -18.15 -2.82
CA ILE A 80 -1.91 -17.95 -4.17
C ILE A 80 -3.32 -18.54 -4.31
N ALA A 81 -3.52 -19.77 -3.84
CA ALA A 81 -4.79 -20.41 -3.98
C ALA A 81 -5.93 -19.64 -3.22
N ALA A 82 -5.62 -19.12 -2.05
CA ALA A 82 -6.60 -18.39 -1.26
C ALA A 82 -6.94 -17.01 -1.86
N TRP A 83 -5.91 -16.33 -2.37
CA TRP A 83 -6.08 -15.03 -3.03
C TRP A 83 -6.92 -15.17 -4.29
N LYS A 84 -6.78 -16.29 -4.99
CA LYS A 84 -7.55 -16.53 -6.23
C LYS A 84 -9.03 -16.49 -5.91
N LYS A 85 -9.40 -17.01 -4.74
CA LYS A 85 -10.82 -17.04 -4.36
C LYS A 85 -11.28 -15.62 -4.12
N ILE A 86 -10.41 -14.89 -3.46
CA ILE A 86 -10.74 -13.50 -3.08
C ILE A 86 -10.96 -12.61 -4.29
N THR A 87 -10.05 -12.68 -5.30
CA THR A 87 -10.16 -11.89 -6.46
C THR A 87 -11.37 -12.36 -7.29
N ALA A 88 -11.62 -13.65 -7.32
CA ALA A 88 -12.80 -14.13 -8.04
C ALA A 88 -14.07 -13.60 -7.47
N GLY A 89 -14.13 -13.48 -6.17
CA GLY A 89 -15.28 -12.93 -5.50
C GLY A 89 -15.51 -11.45 -5.82
N VAL A 90 -14.43 -10.67 -5.83
CA VAL A 90 -14.52 -9.27 -6.24
C VAL A 90 -15.03 -9.16 -7.71
N HIS A 91 -14.46 -9.97 -8.57
CA HIS A 91 -14.82 -9.98 -10.02
C HIS A 91 -16.25 -10.46 -10.23
N ALA A 92 -16.69 -11.41 -9.40
CA ALA A 92 -18.10 -11.87 -9.37
C ALA A 92 -19.10 -10.73 -9.16
N GLU A 93 -18.66 -9.69 -8.44
CA GLU A 93 -19.40 -8.48 -8.19
C GLU A 93 -19.07 -7.33 -9.13
N ASP A 94 -18.29 -7.59 -10.18
CA ASP A 94 -17.91 -6.61 -11.19
C ASP A 94 -17.00 -5.57 -10.62
N GLY A 95 -16.21 -5.96 -9.63
CA GLY A 95 -15.23 -5.11 -9.05
C GLY A 95 -13.85 -5.26 -9.68
N ARG A 96 -12.91 -4.41 -9.23
CA ARG A 96 -11.49 -4.53 -9.62
C ARG A 96 -10.62 -4.45 -8.34
N ILE A 97 -9.53 -5.21 -8.32
CA ILE A 97 -8.67 -5.28 -7.12
C ILE A 97 -7.19 -5.33 -7.47
N ALA A 98 -6.48 -4.43 -6.81
CA ALA A 98 -5.03 -4.37 -6.80
C ALA A 98 -4.50 -4.99 -5.51
N VAL A 99 -3.39 -5.70 -5.63
CA VAL A 99 -2.70 -6.23 -4.43
C VAL A 99 -1.57 -5.27 -4.05
N GLN A 100 -1.56 -4.84 -2.78
CA GLN A 100 -0.44 -4.00 -2.33
C GLN A 100 0.64 -4.92 -1.86
N LEU A 101 1.81 -4.86 -2.50
CA LEU A 101 2.93 -5.75 -2.17
C LEU A 101 3.98 -4.97 -1.44
N TYR A 102 4.49 -5.56 -0.36
CA TYR A 102 5.52 -4.92 0.42
C TYR A 102 6.53 -5.89 1.00
N HIS A 103 7.67 -5.30 1.35
CA HIS A 103 8.63 -5.84 2.25
C HIS A 103 8.73 -4.86 3.43
N THR A 104 8.50 -5.37 4.63
CA THR A 104 8.48 -4.49 5.82
C THR A 104 9.84 -3.97 6.27
N GLY A 105 10.91 -4.64 5.86
CA GLY A 105 12.24 -4.25 6.29
C GLY A 105 12.27 -4.26 7.78
N ARG A 106 12.76 -3.18 8.35
CA ARG A 106 12.89 -3.07 9.79
C ARG A 106 11.60 -2.91 10.65
N ILE A 107 10.42 -2.74 10.06
CA ILE A 107 9.21 -2.71 10.88
C ILE A 107 8.74 -4.14 11.03
N SER A 108 9.32 -4.84 12.00
CA SER A 108 9.14 -6.28 12.14
C SER A 108 9.68 -6.66 13.52
N HIS A 109 9.59 -7.93 13.86
CA HIS A 109 10.03 -8.45 15.17
C HIS A 109 10.69 -9.79 14.86
N SER A 110 11.83 -10.04 15.47
CA SER A 110 12.51 -11.34 15.27
C SER A 110 11.60 -12.56 15.41
N SER A 111 10.56 -12.51 16.25
CA SER A 111 9.72 -13.69 16.51
C SER A 111 8.87 -14.11 15.33
N ILE A 112 8.70 -13.22 14.35
CA ILE A 112 7.99 -13.58 13.12
C ILE A 112 8.84 -13.65 11.89
N GLN A 113 10.18 -13.57 12.06
CA GLN A 113 11.11 -13.68 10.97
C GLN A 113 11.54 -15.13 10.87
N PRO A 114 11.94 -15.56 9.69
CA PRO A 114 12.41 -16.92 9.49
C PRO A 114 13.58 -17.19 10.42
N GLY A 115 13.54 -18.32 11.12
CA GLY A 115 14.60 -18.67 12.06
C GLY A 115 14.68 -17.82 13.28
N GLY A 116 13.68 -16.93 13.47
CA GLY A 116 13.70 -16.04 14.62
C GLY A 116 14.82 -15.05 14.62
N GLN A 117 15.34 -14.68 13.45
CA GLN A 117 16.49 -13.80 13.38
C GLN A 117 16.10 -12.34 13.16
N ALA A 118 17.08 -11.42 13.20
CA ALA A 118 16.81 -9.98 13.07
C ALA A 118 16.21 -9.72 11.67
N PRO A 119 15.30 -8.75 11.58
CA PRO A 119 14.83 -8.33 10.26
C PRO A 119 15.91 -7.53 9.50
N VAL A 120 15.69 -7.24 8.22
CA VAL A 120 16.70 -6.56 7.43
C VAL A 120 16.29 -5.15 7.07
N SER A 121 17.27 -4.33 6.75
CA SER A 121 16.98 -2.94 6.33
C SER A 121 18.14 -2.42 5.50
N ALA A 122 18.04 -1.15 5.12
CA ALA A 122 19.12 -0.46 4.48
C ALA A 122 20.33 -0.39 5.40
N SER A 123 20.06 -0.09 6.67
CA SER A 123 21.12 0.12 7.67
C SER A 123 20.65 -0.48 9.00
N ALA A 124 21.55 -0.65 9.91
CA ALA A 124 21.21 -1.32 11.19
C ALA A 124 20.75 -0.30 12.23
N LEU A 125 19.55 0.22 12.03
CA LEU A 125 19.00 1.26 12.86
C LEU A 125 17.60 0.83 13.16
N ASN A 126 17.23 0.83 14.44
CA ASN A 126 15.90 0.45 14.85
C ASN A 126 14.88 1.45 14.33
N ALA A 127 13.71 0.92 13.96
CA ALA A 127 12.60 1.72 13.52
C ALA A 127 11.99 2.57 14.60
N ASN A 128 12.25 2.22 15.86
CA ASN A 128 11.71 2.99 16.97
C ASN A 128 10.17 3.14 16.89
N THR A 129 9.48 2.05 16.50
CA THR A 129 8.02 2.02 16.48
C THR A 129 7.58 0.65 16.96
N ARG A 130 6.30 0.32 16.81
CA ARG A 130 5.79 -1.00 17.15
C ARG A 130 5.29 -1.69 15.93
N THR A 131 5.38 -3.00 15.92
CA THR A 131 4.57 -3.79 15.02
C THR A 131 3.48 -4.53 15.81
N SER A 132 2.71 -5.39 15.13
CA SER A 132 1.66 -6.11 15.76
C SER A 132 1.95 -7.60 15.74
N LEU A 133 1.99 -8.22 16.92
CA LEU A 133 2.13 -9.65 17.04
C LEU A 133 0.80 -10.25 17.48
N ARG A 134 0.79 -11.55 17.70
CA ARG A 134 -0.36 -12.17 18.29
C ARG A 134 0.04 -12.78 19.61
N ASP A 135 -0.80 -12.60 20.61
CA ASP A 135 -0.58 -13.35 21.84
C ASP A 135 -1.02 -14.80 21.80
N GLU A 136 -0.96 -15.46 22.97
CA GLU A 136 -1.23 -16.90 23.09
C GLU A 136 -2.66 -17.27 22.71
N ASN A 137 -3.53 -16.28 22.78
CA ASN A 137 -4.93 -16.47 22.45
C ASN A 137 -5.27 -16.02 21.03
N GLY A 138 -4.22 -15.61 20.31
CA GLY A 138 -4.36 -15.15 18.93
C GLY A 138 -4.80 -13.68 18.80
N ASN A 139 -4.79 -12.92 19.88
CA ASN A 139 -5.20 -11.53 19.82
C ASN A 139 -4.04 -10.62 19.45
N ALA A 140 -4.34 -9.54 18.77
CA ALA A 140 -3.29 -8.65 18.29
C ALA A 140 -2.70 -7.86 19.45
N ILE A 141 -1.37 -7.71 19.46
CA ILE A 141 -0.66 -6.94 20.50
C ILE A 141 0.44 -6.13 19.83
N ARG A 142 0.66 -4.91 20.30
CA ARG A 142 1.64 -4.02 19.68
C ARG A 142 2.90 -4.18 20.49
N VAL A 143 4.02 -4.39 19.81
CA VAL A 143 5.33 -4.74 20.44
C VAL A 143 6.44 -3.94 19.76
N ASP A 144 7.44 -3.50 20.49
CA ASP A 144 8.50 -2.65 19.90
C ASP A 144 9.28 -3.46 18.85
N THR A 145 9.65 -2.79 17.76
CA THR A 145 10.36 -3.43 16.66
C THR A 145 11.78 -3.86 17.02
N THR A 146 12.22 -4.95 16.42
CA THR A 146 13.58 -5.46 16.60
C THR A 146 14.55 -4.70 15.70
N THR A 147 15.72 -4.39 16.24
CA THR A 147 16.76 -3.77 15.49
C THR A 147 17.15 -4.64 14.29
N PRO A 148 17.26 -4.03 13.14
CA PRO A 148 17.61 -4.80 11.94
C PRO A 148 19.11 -4.94 11.70
N ARG A 149 19.41 -5.83 10.77
CA ARG A 149 20.69 -6.03 10.12
C ARG A 149 20.66 -5.26 8.80
N ALA A 150 21.73 -4.58 8.45
CA ALA A 150 21.83 -3.97 7.12
C ALA A 150 21.97 -5.05 6.04
N LEU A 151 21.22 -4.95 4.95
CA LEU A 151 21.40 -5.86 3.86
C LEU A 151 22.80 -5.78 3.34
N GLU A 152 23.37 -6.91 2.99
CA GLU A 152 24.59 -6.88 2.20
C GLU A 152 24.29 -6.57 0.77
N LEU A 153 25.23 -5.91 0.10
CA LEU A 153 25.07 -5.58 -1.30
C LEU A 153 24.63 -6.79 -2.11
N ASP A 154 25.22 -7.96 -1.84
CA ASP A 154 24.89 -9.14 -2.62
C ASP A 154 23.53 -9.76 -2.33
N GLU A 155 22.86 -9.29 -1.28
CA GLU A 155 21.47 -9.67 -1.01
C GLU A 155 20.41 -8.84 -1.73
N ILE A 156 20.83 -7.73 -2.30
CA ILE A 156 19.82 -6.83 -2.88
C ILE A 156 19.13 -7.42 -4.14
N PRO A 157 19.87 -8.07 -5.06
CA PRO A 157 19.20 -8.70 -6.23
C PRO A 157 18.11 -9.69 -5.81
N GLY A 158 18.32 -10.40 -4.70
CA GLY A 158 17.27 -11.27 -4.17
C GLY A 158 16.00 -10.53 -3.84
N ILE A 159 16.13 -9.34 -3.25
CA ILE A 159 14.97 -8.59 -2.82
C ILE A 159 14.19 -8.16 -4.09
N VAL A 160 14.91 -7.69 -5.10
CA VAL A 160 14.31 -7.33 -6.38
C VAL A 160 13.58 -8.57 -6.96
N ASN A 161 14.26 -9.71 -7.00
CA ASN A 161 13.64 -10.95 -7.50
C ASN A 161 12.41 -11.41 -6.70
N ASP A 162 12.39 -11.20 -5.40
CA ASP A 162 11.18 -11.51 -4.60
C ASP A 162 9.99 -10.63 -5.04
N PHE A 163 10.26 -9.36 -5.31
CA PHE A 163 9.18 -8.48 -5.81
C PHE A 163 8.68 -8.98 -7.18
N ARG A 164 9.61 -9.27 -8.08
CA ARG A 164 9.28 -9.73 -9.40
C ARG A 164 8.43 -11.01 -9.29
N GLN A 165 8.85 -11.93 -8.42
CA GLN A 165 8.15 -13.19 -8.30
C GLN A 165 6.77 -12.96 -7.70
N ALA A 166 6.70 -12.07 -6.73
CA ALA A 166 5.39 -11.77 -6.12
C ALA A 166 4.43 -11.19 -7.15
N VAL A 167 4.95 -10.40 -8.08
CA VAL A 167 4.09 -9.81 -9.12
C VAL A 167 3.62 -10.91 -10.11
N ALA A 168 4.49 -11.85 -10.45
CA ALA A 168 4.05 -13.02 -11.24
C ALA A 168 2.92 -13.79 -10.56
N ASN A 169 3.05 -13.94 -9.23
CA ASN A 169 2.11 -14.70 -8.40
C ASN A 169 0.77 -13.91 -8.38
N ALA A 170 0.88 -12.59 -8.28
CA ALA A 170 -0.32 -11.69 -8.26
C ALA A 170 -1.09 -11.83 -9.56
N ARG A 171 -0.36 -11.88 -10.69
CA ARG A 171 -1.01 -12.05 -11.98
C ARG A 171 -1.77 -13.41 -11.99
N GLU A 172 -1.10 -14.49 -11.55
CA GLU A 172 -1.73 -15.77 -11.49
C GLU A 172 -2.96 -15.77 -10.56
N ALA A 173 -2.87 -15.05 -9.44
CA ALA A 173 -3.92 -15.01 -8.43
C ALA A 173 -5.14 -14.20 -8.88
N GLY A 174 -5.02 -13.53 -10.00
CA GLY A 174 -6.13 -12.86 -10.62
C GLY A 174 -6.26 -11.39 -10.25
N PHE A 175 -5.25 -10.79 -9.66
CA PHE A 175 -5.36 -9.35 -9.38
C PHE A 175 -5.34 -8.56 -10.70
N ASP A 176 -6.03 -7.42 -10.72
CA ASP A 176 -6.07 -6.53 -11.86
C ASP A 176 -4.85 -5.68 -11.98
N LEU A 177 -4.26 -5.32 -10.83
CA LEU A 177 -3.09 -4.45 -10.79
C LEU A 177 -2.31 -4.84 -9.54
N VAL A 178 -1.07 -4.33 -9.44
CA VAL A 178 -0.24 -4.45 -8.24
C VAL A 178 0.09 -3.02 -7.78
N GLU A 179 0.15 -2.77 -6.47
CA GLU A 179 0.65 -1.49 -5.97
C GLU A 179 1.91 -1.81 -5.15
N LEU A 180 3.05 -1.26 -5.53
CA LEU A 180 4.29 -1.45 -4.75
C LEU A 180 4.22 -0.50 -3.56
N HIS A 181 4.45 -1.00 -2.37
CA HIS A 181 4.41 -0.17 -1.18
C HIS A 181 5.75 0.47 -0.92
N SER A 182 5.94 1.67 -1.47
CA SER A 182 7.16 2.43 -1.30
C SER A 182 6.96 3.61 -0.35
N ALA A 183 6.02 3.40 0.56
CA ALA A 183 5.66 4.39 1.53
C ALA A 183 5.80 3.90 2.98
N HIS A 184 5.55 4.83 3.92
CA HIS A 184 5.21 4.48 5.32
C HIS A 184 6.32 3.83 6.12
N GLY A 185 7.54 4.03 5.69
CA GLY A 185 8.70 3.54 6.42
C GLY A 185 8.99 2.04 6.27
N TYR A 186 8.41 1.42 5.25
CA TYR A 186 8.74 0.01 4.95
C TYR A 186 10.04 -0.02 4.13
N LEU A 187 10.37 -1.17 3.55
CA LEU A 187 11.75 -1.39 3.09
C LEU A 187 12.11 -0.40 1.99
N LEU A 188 11.24 -0.25 0.98
CA LEU A 188 11.53 0.68 -0.13
C LEU A 188 11.75 2.11 0.37
N HIS A 189 10.89 2.55 1.28
CA HIS A 189 10.98 3.86 1.91
C HIS A 189 12.20 3.95 2.84
N GLN A 190 12.61 2.83 3.46
CA GLN A 190 13.77 2.83 4.33
C GLN A 190 15.04 3.14 3.52
N PHE A 191 15.07 2.67 2.27
CA PHE A 191 16.14 3.07 1.35
C PHE A 191 16.04 4.52 0.84
N LEU A 192 14.83 4.96 0.52
CA LEU A 192 14.59 6.31 0.00
C LEU A 192 15.01 7.42 0.99
N SER A 193 14.75 7.20 2.28
CA SER A 193 14.92 8.22 3.28
C SER A 193 16.35 8.25 3.82
N PRO A 194 16.99 9.40 3.79
CA PRO A 194 18.31 9.57 4.45
C PRO A 194 18.32 9.25 5.94
N SER A 195 17.18 9.42 6.62
CA SER A 195 17.07 9.15 8.04
C SER A 195 17.32 7.68 8.40
N SER A 196 16.89 6.81 7.50
CA SER A 196 16.96 5.36 7.67
C SER A 196 18.06 4.69 6.85
N ASN A 197 18.73 5.43 6.00
CA ASN A 197 19.67 4.87 5.03
C ASN A 197 20.96 5.63 5.23
N GLN A 198 21.93 4.94 5.84
CA GLN A 198 23.28 5.44 6.01
C GLN A 198 24.30 4.70 5.18
N ARG A 199 23.85 4.04 4.11
CA ARG A 199 24.74 3.24 3.30
C ARG A 199 25.74 4.11 2.55
N THR A 200 26.89 3.52 2.24
CA THR A 200 27.89 4.21 1.46
C THR A 200 28.27 3.50 0.18
N ASP A 201 27.45 2.54 -0.22
CA ASP A 201 27.53 1.91 -1.51
C ASP A 201 26.56 2.66 -2.46
N GLN A 202 26.24 2.09 -3.61
CA GLN A 202 25.49 2.79 -4.62
C GLN A 202 23.99 2.84 -4.20
N TYR A 203 23.64 2.28 -3.03
CA TYR A 203 22.28 2.31 -2.53
C TYR A 203 22.02 3.33 -1.48
N GLY A 204 23.01 4.16 -1.16
CA GLY A 204 22.81 5.24 -0.22
C GLY A 204 23.57 6.48 -0.59
N GLY A 205 23.22 7.58 0.05
CA GLY A 205 23.89 8.86 -0.14
C GLY A 205 22.99 9.76 -0.95
N SER A 206 23.30 9.89 -2.22
CA SER A 206 22.63 10.79 -3.13
C SER A 206 21.20 10.26 -3.32
N VAL A 207 20.29 11.16 -3.72
CA VAL A 207 18.92 10.74 -4.04
C VAL A 207 18.84 9.65 -5.15
N GLU A 208 19.75 9.75 -6.13
CA GLU A 208 19.81 8.76 -7.20
C GLU A 208 20.16 7.41 -6.58
N ASN A 209 21.03 7.41 -5.57
CA ASN A 209 21.40 6.15 -4.94
C ASN A 209 20.27 5.62 -4.05
N ARG A 210 19.61 6.53 -3.36
CA ARG A 210 18.54 6.14 -2.44
C ARG A 210 17.29 5.62 -3.15
N ALA A 211 17.04 6.11 -4.37
CA ALA A 211 15.90 5.67 -5.19
C ALA A 211 16.29 4.49 -6.04
N ARG A 212 17.57 4.09 -6.06
CA ARG A 212 17.99 3.00 -6.95
C ARG A 212 17.15 1.74 -6.73
N LEU A 213 16.99 1.29 -5.48
CA LEU A 213 16.32 0.01 -5.27
C LEU A 213 14.88 0.09 -5.74
N VAL A 214 14.14 1.12 -5.37
CA VAL A 214 12.71 1.18 -5.80
C VAL A 214 12.60 1.17 -7.32
N LEU A 215 13.47 1.90 -7.99
CA LEU A 215 13.48 1.92 -9.46
C LEU A 215 13.87 0.59 -10.11
N GLU A 216 14.82 -0.16 -9.52
CA GLU A 216 15.12 -1.54 -9.93
C GLU A 216 13.91 -2.42 -9.77
N VAL A 217 13.18 -2.19 -8.69
CA VAL A 217 11.99 -3.01 -8.46
C VAL A 217 10.96 -2.68 -9.51
N VAL A 218 10.71 -1.38 -9.74
CA VAL A 218 9.73 -0.96 -10.77
C VAL A 218 10.04 -1.58 -12.11
N ASP A 219 11.31 -1.48 -12.52
CA ASP A 219 11.74 -2.02 -13.78
C ASP A 219 11.53 -3.54 -13.87
N ALA A 220 11.88 -4.23 -12.81
CA ALA A 220 11.70 -5.66 -12.75
C ALA A 220 10.27 -6.10 -12.89
N VAL A 221 9.34 -5.38 -12.26
CA VAL A 221 7.95 -5.84 -12.26
C VAL A 221 7.27 -5.43 -13.56
N CYS A 222 7.71 -4.30 -14.13
CA CYS A 222 7.25 -3.88 -15.47
C CYS A 222 7.62 -4.92 -16.54
N ASN A 223 8.84 -5.39 -16.45
CA ASN A 223 9.35 -6.42 -17.30
C ASN A 223 8.60 -7.72 -17.09
N GLU A 224 8.36 -8.10 -15.84
CA GLU A 224 7.69 -9.36 -15.54
C GLU A 224 6.25 -9.40 -16.05
N TRP A 225 5.50 -8.33 -15.81
CA TRP A 225 4.11 -8.21 -16.25
C TRP A 225 4.03 -7.14 -17.33
N SER A 226 3.49 -5.98 -17.01
CA SER A 226 3.28 -4.90 -17.97
C SER A 226 3.26 -3.59 -17.17
N ALA A 227 3.82 -2.51 -17.70
CA ALA A 227 3.80 -1.27 -16.94
C ALA A 227 2.38 -0.77 -16.62
N ASP A 228 1.45 -1.04 -17.52
CA ASP A 228 0.03 -0.68 -17.29
C ASP A 228 -0.71 -1.53 -16.24
N ARG A 229 0.02 -2.42 -15.57
CA ARG A 229 -0.47 -3.19 -14.41
C ARG A 229 0.11 -2.77 -13.07
N ILE A 230 1.04 -1.80 -13.10
CA ILE A 230 1.86 -1.47 -11.94
C ILE A 230 1.49 -0.10 -11.41
N GLY A 231 1.16 -0.01 -10.14
CA GLY A 231 1.00 1.24 -9.44
C GLY A 231 2.04 1.28 -8.37
N ILE A 232 2.24 2.49 -7.82
CA ILE A 232 3.14 2.68 -6.69
C ILE A 232 2.53 3.68 -5.68
N ARG A 233 2.69 3.34 -4.41
CA ARG A 233 2.36 4.25 -3.31
C ARG A 233 3.65 4.84 -2.73
N VAL A 234 3.63 6.14 -2.58
CA VAL A 234 4.72 6.89 -2.01
C VAL A 234 4.13 7.78 -0.91
N SER A 235 4.98 8.14 0.05
CA SER A 235 4.61 9.05 1.14
C SER A 235 5.83 9.99 1.28
N PRO A 236 6.10 10.80 0.29
CA PRO A 236 7.43 11.46 0.17
C PRO A 236 7.59 12.85 0.73
N ILE A 237 6.54 13.39 1.29
CA ILE A 237 6.55 14.71 1.93
C ILE A 237 5.97 14.48 3.36
N GLY A 238 6.76 14.75 4.37
CA GLY A 238 6.31 14.66 5.75
C GLY A 238 6.95 13.46 6.40
N THR A 239 6.41 13.09 7.56
CA THR A 239 6.91 11.95 8.31
C THR A 239 5.79 10.93 8.49
N PHE A 240 6.19 9.65 8.39
CA PHE A 240 5.30 8.50 8.32
C PHE A 240 5.94 7.38 9.14
N GLN A 241 5.26 7.02 10.21
CA GLN A 241 5.65 5.94 11.07
C GLN A 241 7.13 6.05 11.44
N ASN A 242 7.52 7.28 11.85
CA ASN A 242 8.86 7.65 12.29
C ASN A 242 9.91 7.82 11.22
N VAL A 243 9.52 7.78 9.94
CA VAL A 243 10.49 7.91 8.86
C VAL A 243 10.19 9.21 8.13
N ASP A 244 11.08 10.20 8.20
CA ASP A 244 10.85 11.47 7.49
C ASP A 244 11.45 11.31 6.11
N ASN A 245 11.39 12.38 5.29
CA ASN A 245 11.93 12.32 3.95
C ASN A 245 13.19 13.15 3.69
N GLY A 246 13.83 13.52 4.77
CA GLY A 246 15.12 14.19 4.72
C GLY A 246 14.97 15.66 4.50
N PRO A 247 16.11 16.35 4.45
CA PRO A 247 16.11 17.81 4.36
C PRO A 247 15.87 18.43 2.99
N ASN A 248 15.70 17.62 1.97
CA ASN A 248 15.38 18.08 0.63
C ASN A 248 14.21 17.32 0.09
N GLU A 249 13.19 17.13 0.93
CA GLU A 249 12.12 16.23 0.54
C GLU A 249 11.41 16.56 -0.73
N GLU A 250 11.06 17.82 -0.96
CA GLU A 250 10.36 18.16 -2.19
C GLU A 250 11.17 17.82 -3.46
N ALA A 251 12.43 18.23 -3.51
CA ALA A 251 13.21 18.05 -4.72
C ALA A 251 13.45 16.55 -4.98
N ASP A 252 13.71 15.84 -3.91
CA ASP A 252 13.90 14.38 -3.97
C ASP A 252 12.61 13.67 -4.40
N ALA A 253 11.47 14.18 -3.95
CA ALA A 253 10.18 13.60 -4.34
C ALA A 253 10.03 13.78 -5.86
N LEU A 254 10.26 14.99 -6.33
CA LEU A 254 10.11 15.28 -7.75
C LEU A 254 11.07 14.49 -8.63
N TYR A 255 12.26 14.19 -8.15
CA TYR A 255 13.20 13.37 -8.87
C TYR A 255 12.63 11.94 -9.04
N LEU A 256 12.12 11.38 -7.94
CA LEU A 256 11.56 10.06 -7.97
C LEU A 256 10.36 9.99 -8.95
N ILE A 257 9.51 10.99 -8.88
CA ILE A 257 8.29 10.98 -9.67
C ILE A 257 8.69 11.09 -11.18
N GLU A 258 9.67 11.92 -11.50
CA GLU A 258 10.17 11.98 -12.89
C GLU A 258 10.68 10.62 -13.38
N GLU A 259 11.43 9.92 -12.50
CA GLU A 259 11.93 8.62 -12.82
C GLU A 259 10.80 7.61 -13.05
N LEU A 260 9.80 7.62 -12.17
CA LEU A 260 8.69 6.72 -12.32
C LEU A 260 7.94 6.96 -13.60
N ALA A 261 7.77 8.23 -13.99
CA ALA A 261 7.03 8.57 -15.20
C ALA A 261 7.62 7.94 -16.39
N LYS A 262 8.95 7.84 -16.43
CA LYS A 262 9.67 7.30 -17.60
C LYS A 262 9.26 5.85 -17.87
N ARG A 263 8.90 5.13 -16.81
CA ARG A 263 8.41 3.75 -16.96
C ARG A 263 6.96 3.59 -17.44
N GLY A 264 6.17 4.68 -17.48
CA GLY A 264 4.83 4.59 -18.06
C GLY A 264 3.88 3.73 -17.25
N ILE A 265 4.04 3.71 -15.93
CA ILE A 265 3.24 2.88 -15.04
C ILE A 265 1.85 3.41 -14.84
N ALA A 266 0.97 2.53 -14.37
CA ALA A 266 -0.46 2.81 -14.37
C ALA A 266 -0.81 4.00 -13.50
N TYR A 267 -0.18 4.06 -12.33
CA TYR A 267 -0.54 5.06 -11.37
C TYR A 267 0.47 5.35 -10.29
N LEU A 268 0.29 6.56 -9.76
CA LEU A 268 1.01 7.12 -8.64
C LEU A 268 0.03 7.44 -7.53
N HIS A 269 0.22 6.76 -6.42
CA HIS A 269 -0.65 6.86 -5.27
C HIS A 269 0.12 7.61 -4.17
N MET A 270 -0.33 8.83 -3.87
CA MET A 270 0.26 9.67 -2.83
C MET A 270 -0.46 9.62 -1.50
N SER A 271 0.25 9.11 -0.48
CA SER A 271 -0.19 9.10 0.91
C SER A 271 0.32 10.40 1.48
N GLU A 272 -0.61 11.33 1.70
CA GLU A 272 -0.23 12.71 1.89
C GLU A 272 0.17 13.04 3.33
N THR A 273 -0.52 12.38 4.25
CA THR A 273 -0.22 12.51 5.69
C THR A 273 -0.39 11.21 6.47
N ASP A 274 0.38 11.11 7.57
CA ASP A 274 0.38 10.01 8.49
C ASP A 274 -0.96 10.09 9.20
N LEU A 275 -1.38 8.98 9.80
CA LEU A 275 -2.60 8.98 10.57
C LEU A 275 -2.50 10.07 11.70
N ALA A 276 -1.30 10.37 12.15
CA ALA A 276 -1.05 11.37 13.27
C ALA A 276 -1.01 12.81 12.79
N GLY A 277 -1.07 12.96 11.47
CA GLY A 277 -1.26 14.23 10.83
C GLY A 277 0.03 14.69 10.19
N GLY A 278 -0.06 15.75 9.40
CA GLY A 278 1.10 16.35 8.74
C GLY A 278 0.62 17.64 8.03
N LYS A 279 1.53 18.38 7.44
CA LYS A 279 1.22 19.60 6.71
C LYS A 279 0.61 19.28 5.38
N PRO A 280 -0.45 20.00 5.02
CA PRO A 280 -1.14 19.76 3.74
C PRO A 280 -0.25 20.10 2.52
N TYR A 281 -0.49 19.37 1.43
CA TYR A 281 0.17 19.65 0.16
C TYR A 281 -0.25 21.03 -0.33
N SER A 282 0.71 21.81 -0.81
CA SER A 282 0.41 23.05 -1.55
C SER A 282 -0.13 22.75 -2.93
N GLU A 283 -0.95 23.63 -3.49
CA GLU A 283 -1.40 23.40 -4.87
C GLU A 283 -0.26 23.52 -5.84
N ALA A 284 0.70 24.40 -5.55
CA ALA A 284 1.95 24.49 -6.31
C ALA A 284 2.62 23.13 -6.38
N PHE A 285 2.71 22.41 -5.26
CA PHE A 285 3.41 21.12 -5.27
C PHE A 285 2.54 20.11 -6.01
N ARG A 286 1.22 20.17 -5.82
CA ARG A 286 0.36 19.33 -6.64
C ARG A 286 0.54 19.52 -8.13
N GLN A 287 0.73 20.77 -8.54
CA GLN A 287 0.91 21.03 -9.98
C GLN A 287 2.28 20.52 -10.47
N LYS A 288 3.30 20.64 -9.64
CA LYS A 288 4.62 20.07 -9.97
C LYS A 288 4.59 18.56 -10.12
N VAL A 289 3.83 17.89 -9.27
CA VAL A 289 3.62 16.44 -9.41
C VAL A 289 2.87 16.11 -10.71
N ARG A 290 1.77 16.82 -10.97
CA ARG A 290 0.89 16.60 -12.12
C ARG A 290 1.65 16.67 -13.42
N GLU A 291 2.54 17.66 -13.57
CA GLU A 291 3.26 17.85 -14.82
C GLU A 291 4.42 16.84 -14.98
N ARG A 292 4.78 16.13 -13.91
CA ARG A 292 5.86 15.14 -13.94
C ARG A 292 5.37 13.72 -14.18
N PHE A 293 4.08 13.48 -13.99
CA PHE A 293 3.55 12.13 -14.08
C PHE A 293 2.38 12.12 -15.04
N HIS A 294 2.39 11.17 -15.99
CA HIS A 294 1.36 11.10 -17.07
C HIS A 294 0.32 9.99 -16.95
N GLY A 295 0.35 9.28 -15.84
CA GLY A 295 -0.72 8.36 -15.52
C GLY A 295 -1.65 8.88 -14.44
N VAL A 296 -2.43 7.98 -13.89
CA VAL A 296 -3.39 8.32 -12.84
C VAL A 296 -2.73 8.70 -11.53
N ILE A 297 -3.24 9.76 -10.87
CA ILE A 297 -2.72 10.17 -9.58
C ILE A 297 -3.84 9.98 -8.59
N ILE A 298 -3.56 9.21 -7.56
CA ILE A 298 -4.53 8.89 -6.48
C ILE A 298 -4.08 9.64 -5.24
N GLY A 299 -4.97 10.39 -4.65
CA GLY A 299 -4.69 11.10 -3.45
C GLY A 299 -5.31 10.40 -2.25
N ALA A 300 -4.63 10.48 -1.09
CA ALA A 300 -5.13 9.83 0.11
C ALA A 300 -4.65 10.56 1.36
N GLY A 301 -5.42 10.44 2.45
CA GLY A 301 -5.08 10.95 3.78
C GLY A 301 -6.11 11.93 4.28
N ALA A 302 -7.07 11.41 5.05
CA ALA A 302 -8.14 12.19 5.66
C ALA A 302 -8.93 13.04 4.65
N TYR A 303 -9.04 12.55 3.45
CA TYR A 303 -9.90 13.16 2.47
C TYR A 303 -11.36 13.10 2.87
N THR A 304 -12.06 14.17 2.54
CA THR A 304 -13.50 14.16 2.44
C THR A 304 -13.87 14.10 0.95
N ALA A 305 -15.12 13.74 0.66
CA ALA A 305 -15.64 13.79 -0.67
C ALA A 305 -15.53 15.18 -1.31
N GLU A 306 -15.74 16.21 -0.52
CA GLU A 306 -15.62 17.60 -0.99
C GLU A 306 -14.21 17.91 -1.50
N LYS A 307 -13.22 17.57 -0.70
CA LYS A 307 -11.80 17.82 -1.04
C LYS A 307 -11.44 17.05 -2.29
N ALA A 308 -11.92 15.81 -2.34
CA ALA A 308 -11.72 14.99 -3.54
C ALA A 308 -12.32 15.64 -4.79
N GLU A 309 -13.57 16.07 -4.71
CA GLU A 309 -14.22 16.72 -5.85
C GLU A 309 -13.47 17.97 -6.23
N ASP A 310 -13.10 18.78 -5.25
CA ASP A 310 -12.36 20.05 -5.46
C ASP A 310 -11.10 19.78 -6.27
N LEU A 311 -10.31 18.79 -5.84
CA LEU A 311 -9.05 18.52 -6.48
C LEU A 311 -9.09 17.77 -7.82
N ILE A 312 -10.02 16.84 -8.00
CA ILE A 312 -10.25 16.25 -9.30
C ILE A 312 -10.76 17.32 -10.29
N GLY A 313 -11.67 18.15 -9.81
CA GLY A 313 -12.20 19.26 -10.57
C GLY A 313 -11.10 20.19 -11.03
N LYS A 314 -10.10 20.46 -10.17
CA LYS A 314 -8.96 21.32 -10.52
C LYS A 314 -7.97 20.63 -11.43
N GLY A 315 -8.19 19.36 -11.73
CA GLY A 315 -7.29 18.62 -12.61
C GLY A 315 -5.98 18.22 -11.97
N LEU A 316 -5.93 18.23 -10.65
CA LEU A 316 -4.67 17.95 -9.94
C LEU A 316 -4.50 16.45 -9.56
N ILE A 317 -5.62 15.79 -9.29
CA ILE A 317 -5.63 14.34 -9.04
C ILE A 317 -6.76 13.70 -9.85
N ASP A 318 -6.73 12.37 -10.02
CA ASP A 318 -7.79 11.67 -10.75
C ASP A 318 -8.74 10.89 -9.88
N ALA A 319 -8.27 10.48 -8.69
CA ALA A 319 -9.04 9.64 -7.83
C ALA A 319 -8.60 9.80 -6.38
N VAL A 320 -9.43 9.32 -5.48
CA VAL A 320 -9.13 9.40 -4.06
C VAL A 320 -9.30 8.03 -3.43
N ALA A 321 -8.34 7.65 -2.60
CA ALA A 321 -8.45 6.44 -1.82
C ALA A 321 -8.84 6.79 -0.41
N PHE A 322 -9.99 6.25 0.02
CA PHE A 322 -10.47 6.39 1.38
C PHE A 322 -10.15 5.14 2.18
N GLY A 323 -9.62 5.33 3.37
CA GLY A 323 -9.30 4.22 4.25
C GLY A 323 -10.36 3.91 5.26
N ARG A 324 -10.32 4.64 6.36
CA ARG A 324 -11.25 4.32 7.46
C ARG A 324 -12.70 4.42 7.11
N ASP A 325 -13.10 5.32 6.20
CA ASP A 325 -14.50 5.35 5.76
C ASP A 325 -14.86 4.04 5.06
N TYR A 326 -13.93 3.45 4.32
CA TYR A 326 -14.10 2.09 3.75
C TYR A 326 -14.20 0.98 4.74
N ILE A 327 -13.39 0.98 5.82
CA ILE A 327 -13.61 -0.02 6.87
C ILE A 327 -15.08 -0.03 7.29
N ALA A 328 -15.66 1.15 7.52
CA ALA A 328 -16.95 1.23 8.19
C ALA A 328 -18.13 1.27 7.19
N ASN A 329 -17.86 1.40 5.89
CA ASN A 329 -18.93 1.57 4.90
C ASN A 329 -18.67 0.76 3.63
N PRO A 330 -19.20 -0.43 3.56
CA PRO A 330 -18.85 -1.29 2.41
C PRO A 330 -19.36 -0.70 1.11
N ASP A 331 -20.49 -0.02 1.20
CA ASP A 331 -21.13 0.69 0.10
C ASP A 331 -20.86 2.18 0.12
N LEU A 332 -19.64 2.57 0.47
CA LEU A 332 -19.29 3.97 0.53
C LEU A 332 -19.68 4.71 -0.78
N VAL A 333 -19.51 4.06 -1.91
CA VAL A 333 -19.75 4.73 -3.19
C VAL A 333 -21.22 5.17 -3.20
N ALA A 334 -22.11 4.22 -2.96
CA ALA A 334 -23.54 4.53 -2.88
C ALA A 334 -23.87 5.63 -1.86
N ARG A 335 -23.20 5.64 -0.70
CA ARG A 335 -23.53 6.60 0.36
C ARG A 335 -23.04 7.97 0.00
N LEU A 336 -21.87 8.03 -0.64
CA LEU A 336 -21.35 9.30 -1.08
C LEU A 336 -22.20 9.86 -2.23
N GLN A 337 -22.69 8.99 -3.08
CA GLN A 337 -23.50 9.35 -4.24
C GLN A 337 -24.85 9.94 -3.80
N LYS A 338 -25.48 9.28 -2.83
CA LYS A 338 -26.80 9.62 -2.28
C LYS A 338 -26.74 10.59 -1.13
N LYS A 339 -25.53 10.99 -0.73
CA LYS A 339 -25.28 11.81 0.42
C LYS A 339 -25.96 11.24 1.65
N ALA A 340 -25.83 9.93 1.82
CA ALA A 340 -26.32 9.26 3.05
C ALA A 340 -25.33 9.44 4.19
N GLU A 341 -25.78 9.22 5.41
CA GLU A 341 -24.86 9.19 6.57
C GLU A 341 -24.07 7.93 6.48
N LEU A 342 -22.96 7.95 7.20
CA LEU A 342 -22.04 6.83 7.21
C LEU A 342 -22.17 6.13 8.53
N ASN A 343 -21.83 4.86 8.52
CA ASN A 343 -21.76 4.07 9.75
C ASN A 343 -20.64 4.63 10.61
N PRO A 344 -20.82 4.66 11.92
CA PRO A 344 -19.73 5.08 12.82
C PRO A 344 -18.57 4.06 12.83
N GLN A 345 -17.34 4.56 12.97
CA GLN A 345 -16.19 3.65 12.95
C GLN A 345 -16.00 3.07 14.32
N ARG A 346 -15.45 1.84 14.39
CA ARG A 346 -15.09 1.15 15.62
C ARG A 346 -13.59 0.79 15.59
N PRO A 347 -12.73 1.76 15.89
CA PRO A 347 -11.28 1.54 15.71
C PRO A 347 -10.72 0.41 16.60
N GLU A 348 -11.39 0.01 17.68
CA GLU A 348 -10.83 -1.05 18.50
C GLU A 348 -10.74 -2.40 17.76
N SER A 349 -11.44 -2.55 16.64
CA SER A 349 -11.46 -3.77 15.88
C SER A 349 -10.87 -3.57 14.46
N PHE A 350 -10.03 -2.53 14.31
CA PHE A 350 -9.32 -2.35 13.04
C PHE A 350 -8.34 -3.50 12.84
N TYR A 351 -7.62 -3.90 13.91
CA TYR A 351 -6.55 -4.92 13.81
C TYR A 351 -6.87 -6.23 14.54
N GLY A 352 -6.86 -7.33 13.83
CA GLY A 352 -7.07 -8.63 14.40
C GLY A 352 -8.51 -8.92 14.69
N GLY A 353 -8.72 -10.02 15.38
CA GLY A 353 -10.05 -10.54 15.68
C GLY A 353 -10.71 -11.27 14.54
N GLY A 354 -12.02 -11.13 14.42
CA GLY A 354 -12.78 -11.91 13.48
C GLY A 354 -13.76 -11.04 12.71
N ALA A 355 -14.97 -11.53 12.57
CA ALA A 355 -15.99 -10.85 11.75
C ALA A 355 -16.46 -9.56 12.37
N GLU A 356 -16.46 -9.48 13.70
CA GLU A 356 -16.88 -8.25 14.41
C GLU A 356 -15.95 -7.10 14.10
N GLY A 357 -16.52 -5.99 13.64
CA GLY A 357 -15.75 -4.86 13.19
C GLY A 357 -15.06 -5.06 11.86
N TYR A 358 -15.49 -6.05 11.09
CA TYR A 358 -14.84 -6.42 9.79
C TYR A 358 -15.87 -6.53 8.69
N THR A 359 -16.78 -7.48 8.81
CA THR A 359 -17.84 -7.74 7.84
C THR A 359 -19.26 -7.38 8.32
N ASP A 360 -19.32 -6.79 9.50
CA ASP A 360 -20.56 -6.51 10.18
C ASP A 360 -20.94 -5.01 10.14
N TYR A 361 -20.28 -4.22 9.28
CA TYR A 361 -20.77 -2.89 8.99
C TYR A 361 -21.78 -3.00 7.85
N PRO A 362 -23.01 -2.58 8.07
CA PRO A 362 -24.06 -2.86 7.11
C PRO A 362 -24.03 -1.90 5.93
N SER A 363 -24.50 -2.40 4.80
CA SER A 363 -24.83 -1.56 3.67
C SER A 363 -26.22 -0.96 3.87
N LEU A 364 -26.56 0.04 3.05
CA LEU A 364 -27.91 0.68 3.08
C LEU A 364 -29.12 -0.23 2.83
N1 FMN B . -1.48 2.20 4.18
C2 FMN B . -0.79 1.35 3.34
O2 FMN B . -0.14 1.81 2.44
N3 FMN B . -0.83 -0.03 3.54
C4 FMN B . -1.52 -0.56 4.60
O4 FMN B . -1.74 -1.76 4.64
C4A FMN B . -2.25 0.33 5.44
N5 FMN B . -2.98 -0.18 6.52
C5A FMN B . -3.72 0.67 7.30
C6 FMN B . -4.49 0.13 8.31
C7 FMN B . -5.31 0.94 9.12
C7M FMN B . -6.18 0.23 10.12
C8 FMN B . -5.35 2.29 8.89
C8M FMN B . -6.39 3.12 9.58
C9 FMN B . -4.60 2.85 7.83
C9A FMN B . -3.76 2.03 7.03
N10 FMN B . -3.02 2.53 5.97
C10 FMN B . -2.26 1.68 5.19
C1' FMN B . -3.24 3.91 5.48
C2' FMN B . -4.50 3.94 4.64
O2' FMN B . -4.24 3.32 3.40
C3' FMN B . -4.90 5.39 4.39
O3' FMN B . -3.92 6.04 3.62
C4' FMN B . -5.12 6.14 5.70
O4' FMN B . -6.10 5.49 6.47
C5' FMN B . -5.54 7.57 5.51
O5' FMN B . -6.79 7.73 4.90
P FMN B . -8.22 7.88 5.70
O1P FMN B . -8.44 6.69 6.63
O2P FMN B . -8.28 9.13 6.50
O3P FMN B . -9.16 7.91 4.51
C1 TNF C . 0.80 0.78 6.79
C2 TNF C . 0.77 -0.71 7.05
C3 TNF C . 0.31 -1.16 8.28
C4 TNF C . -0.22 -0.33 9.26
N4 TNF C . -0.61 -0.92 10.51
N2 TNF C . 1.32 -1.66 6.20
O1 TNF C . 1.17 1.23 5.72
O21 TNF C . 1.75 -2.74 6.66
O22 TNF C . 1.43 -1.37 5.02
O41 TNF C . -0.69 -2.11 10.80
C6 TNF C . 0.23 1.61 7.82
C5 TNF C . -0.22 1.03 9.01
O42 TNF C . -0.69 -0.21 11.49
N6 TNF C . 0.22 2.98 7.63
O61 TNF C . 1.30 3.52 7.60
O62 TNF C . -0.77 3.60 7.67
#